data_4ZQM
#
_entry.id   4ZQM
#
_cell.length_a   88.154
_cell.length_b   88.154
_cell.length_c   85.512
_cell.angle_alpha   90.00
_cell.angle_beta   90.00
_cell.angle_gamma   90.00
#
_symmetry.space_group_name_H-M   'I 4'
#
loop_
_entity.id
_entity.type
_entity.pdbx_description
1 polymer "Inosine-5'-monophosphate dehydrogenase,Inosine-5'-monophosphate dehydrogenase"
2 non-polymer "XANTHOSINE-5'-MONOPHOSPHATE"
3 non-polymer NICOTINAMIDE-ADENINE-DINUCLEOTIDE
4 water water
#
_entity_poly.entity_id   1
_entity_poly.type   'polypeptide(L)'
_entity_poly.pdbx_seq_one_letter_code
;SNAMSRGMSGLEDSSDLVVSPYVRMGGLTTDPVPTGGDDPHKVAMLGLTFDDVLLLPAASDVVPATADTSSQLTKKIRLK
VPLVSSAMDTVTESRMAIAMARAGGMGVLHRNLPVAEQAGQVEMVKRSGGLLVGAAVGVGGDAWVRAMMLVDAGVDVLVV
DTAHAHNRLVLDMVGKLKSEVGDRVEVVGGNVATRSAAAALVDAGADAVKVGVGPGSICTTRVVAGVGAPQITAILEAVA
ACRPAGVPVIADGGLQYSGDIAKALAAGASTAMLGSLLAGTAEAPGELIFVNGKQYKSYRGMGSLGAMRGRGGATSYSKD
RYFADDALSEDKLVPEGIEGRVPFRGPLSSVIHQLTGGLRAAMGYTGSPTIEVLQQAQFVRITPAGLKESHPHDVAMTVE
APNYYAR
;
_entity_poly.pdbx_strand_id   A
#
loop_
_chem_comp.id
_chem_comp.type
_chem_comp.name
_chem_comp.formula
NAD non-polymer NICOTINAMIDE-ADENINE-DINUCLEOTIDE 'C21 H27 N7 O14 P2'
XMP non-polymer XANTHOSINE-5'-MONOPHOSPHATE 'C10 H14 N4 O9 P 1'
#
# COMPACT_ATOMS: atom_id res chain seq x y z
N ASP A 31 -5.00 42.60 -3.64
CA ASP A 31 -3.82 41.96 -4.20
C ASP A 31 -4.07 40.49 -4.52
N PRO A 32 -3.65 40.06 -5.71
CA PRO A 32 -3.87 38.66 -6.11
C PRO A 32 -3.07 37.69 -5.27
N VAL A 33 -3.51 36.43 -5.25
CA VAL A 33 -2.71 35.33 -4.75
C VAL A 33 -1.44 35.31 -5.61
N PRO A 34 -0.27 35.06 -5.00
CA PRO A 34 0.96 35.20 -5.81
C PRO A 34 1.03 34.23 -6.97
N THR A 35 0.29 33.12 -6.93
CA THR A 35 0.31 32.17 -8.03
C THR A 35 -0.87 32.32 -8.99
N GLY A 36 -1.74 33.28 -8.72
CA GLY A 36 -2.77 33.63 -9.68
C GLY A 36 -4.17 33.58 -9.13
N GLY A 37 -4.99 34.51 -9.61
CA GLY A 37 -6.39 34.60 -9.20
C GLY A 37 -6.54 35.24 -7.83
N ASP A 38 -7.76 35.27 -7.33
CA ASP A 38 -8.01 35.89 -6.03
C ASP A 38 -8.46 34.90 -4.95
N ASP A 39 -8.38 33.62 -5.26
CA ASP A 39 -8.80 32.58 -4.32
C ASP A 39 -7.58 31.86 -3.72
N PRO A 40 -7.32 32.09 -2.43
CA PRO A 40 -6.15 31.52 -1.77
C PRO A 40 -6.25 30.01 -1.56
N HIS A 41 -7.42 29.43 -1.79
CA HIS A 41 -7.60 27.99 -1.63
C HIS A 41 -7.60 27.23 -2.95
N LYS A 42 -7.51 27.93 -4.08
CA LYS A 42 -7.48 27.25 -5.38
C LYS A 42 -6.30 26.29 -5.50
N VAL A 43 -5.13 26.78 -5.10
CA VAL A 43 -3.98 25.91 -4.92
C VAL A 43 -3.96 25.65 -3.43
N ALA A 44 -4.44 24.47 -3.06
CA ALA A 44 -4.86 24.19 -1.68
C ALA A 44 -3.72 23.80 -0.76
N MET A 45 -2.64 23.26 -1.34
N MET A 45 -2.69 23.18 -1.34
CA MET A 45 -1.64 22.59 -0.55
CA MET A 45 -1.61 22.59 -0.57
C MET A 45 -0.34 22.49 -1.34
C MET A 45 -0.31 22.65 -1.35
N LEU A 46 0.80 22.43 -0.66
CA LEU A 46 2.08 22.14 -1.29
C LEU A 46 2.39 20.67 -0.98
N GLY A 47 2.39 19.83 -2.01
CA GLY A 47 2.50 18.39 -1.83
C GLY A 47 3.92 17.89 -1.87
N LEU A 48 4.33 17.23 -0.78
CA LEU A 48 5.65 16.62 -0.70
C LEU A 48 5.61 15.14 -1.03
N THR A 49 6.62 14.67 -1.74
CA THR A 49 6.75 13.23 -1.98
C THR A 49 7.92 12.70 -1.19
N PHE A 50 8.22 11.42 -1.34
CA PHE A 50 9.27 10.80 -0.51
C PHE A 50 10.62 11.52 -0.73
N ASP A 51 10.92 11.84 -1.98
CA ASP A 51 12.23 12.43 -2.28
C ASP A 51 12.37 13.85 -1.76
N ASP A 52 11.27 14.46 -1.32
CA ASP A 52 11.30 15.81 -0.74
C ASP A 52 11.74 15.90 0.71
N VAL A 53 11.84 14.76 1.41
CA VAL A 53 12.13 14.81 2.83
C VAL A 53 13.17 13.76 3.23
N LEU A 54 13.82 14.02 4.36
CA LEU A 54 14.66 13.03 5.02
C LEU A 54 14.22 12.97 6.46
N LEU A 55 14.43 11.82 7.09
CA LEU A 55 14.24 11.71 8.53
C LEU A 55 15.41 12.30 9.33
N LEU A 56 15.10 13.08 10.34
CA LEU A 56 16.15 13.67 11.19
C LEU A 56 16.59 12.65 12.21
N PRO A 57 17.90 12.45 12.32
CA PRO A 57 18.40 11.66 13.46
C PRO A 57 18.01 12.31 14.77
N ALA A 58 17.80 11.49 15.80
CA ALA A 58 17.45 12.01 17.11
C ALA A 58 18.17 11.22 18.20
N ALA A 59 18.01 11.65 19.44
CA ALA A 59 18.57 10.92 20.58
C ALA A 59 18.10 9.47 20.53
N SER A 60 19.02 8.53 20.78
CA SER A 60 18.68 7.13 20.59
C SER A 60 19.30 6.17 21.60
N ASP A 61 18.49 5.26 22.12
CA ASP A 61 18.98 4.11 22.86
C ASP A 61 18.55 2.84 22.13
N VAL A 62 18.39 2.98 20.81
CA VAL A 62 17.98 1.89 19.94
C VAL A 62 19.07 1.58 18.94
N VAL A 63 19.41 0.31 18.79
CA VAL A 63 20.28 -0.05 17.68
C VAL A 63 19.43 -0.90 16.76
N PRO A 64 19.79 -0.95 15.48
CA PRO A 64 18.94 -1.64 14.51
C PRO A 64 18.51 -3.03 14.99
N ALA A 65 19.42 -3.75 15.65
CA ALA A 65 19.09 -5.09 16.13
C ALA A 65 17.98 -5.14 17.17
N THR A 66 17.80 -4.09 17.95
CA THR A 66 16.81 -4.19 19.03
C THR A 66 15.46 -3.57 18.67
N ALA A 67 15.40 -2.91 17.52
CA ALA A 67 14.14 -2.32 17.08
C ALA A 67 13.04 -3.39 16.89
N ASP A 68 11.81 -3.00 17.19
CA ASP A 68 10.63 -3.85 17.04
C ASP A 68 9.85 -3.32 15.83
N THR A 69 9.73 -4.13 14.78
CA THR A 69 9.13 -3.63 13.53
C THR A 69 7.63 -3.95 13.40
N SER A 70 7.03 -4.56 14.42
CA SER A 70 5.61 -4.92 14.34
C SER A 70 4.68 -3.68 14.26
N SER A 71 3.53 -3.84 13.60
CA SER A 71 2.64 -2.72 13.38
C SER A 71 1.28 -3.21 12.95
N GLN A 72 0.25 -2.41 13.23
CA GLN A 72 -1.12 -2.77 12.86
C GLN A 72 -1.34 -2.66 11.36
N LEU A 73 -1.80 -3.74 10.74
CA LEU A 73 -2.32 -3.68 9.39
C LEU A 73 -3.75 -3.10 9.41
N THR A 74 -4.56 -3.62 10.33
CA THR A 74 -5.92 -3.15 10.50
C THR A 74 -6.18 -3.00 11.98
N LYS A 75 -7.39 -2.61 12.34
CA LYS A 75 -7.72 -2.54 13.76
C LYS A 75 -7.42 -3.84 14.51
N LYS A 76 -7.72 -4.98 13.88
CA LYS A 76 -7.61 -6.26 14.58
C LYS A 76 -6.35 -7.07 14.25
N ILE A 77 -5.67 -6.71 13.16
CA ILE A 77 -4.55 -7.53 12.68
C ILE A 77 -3.21 -6.81 12.78
N ARG A 78 -2.28 -7.42 13.52
CA ARG A 78 -0.93 -6.89 13.65
C ARG A 78 0.04 -7.76 12.86
N LEU A 79 0.96 -7.12 12.14
CA LEU A 79 2.01 -7.81 11.41
C LEU A 79 3.33 -7.70 12.13
N LYS A 80 4.18 -8.70 11.96
CA LYS A 80 5.54 -8.66 12.51
C LYS A 80 6.44 -7.71 11.72
N VAL A 81 6.18 -7.61 10.41
CA VAL A 81 6.93 -6.77 9.47
C VAL A 81 5.87 -5.96 8.75
N PRO A 82 6.02 -4.62 8.71
CA PRO A 82 4.87 -3.77 8.32
C PRO A 82 4.74 -3.57 6.83
N LEU A 83 4.78 -4.69 6.10
CA LEU A 83 4.80 -4.70 4.65
C LEU A 83 3.74 -5.63 4.08
N VAL A 84 3.08 -5.13 3.03
N VAL A 84 3.01 -5.14 3.08
CA VAL A 84 2.04 -5.83 2.31
CA VAL A 84 2.11 -6.02 2.33
C VAL A 84 2.34 -5.83 0.81
C VAL A 84 2.35 -5.87 0.84
N SER A 85 2.16 -6.95 0.11
CA SER A 85 2.36 -6.92 -1.34
C SER A 85 1.10 -6.50 -2.09
N SER A 86 1.30 -5.75 -3.17
CA SER A 86 0.21 -5.17 -3.96
C SER A 86 -0.68 -6.23 -4.59
N ALA A 87 -1.94 -5.86 -4.73
CA ALA A 87 -2.94 -6.71 -5.34
C ALA A 87 -2.85 -6.56 -6.87
N MET A 88 -1.79 -7.08 -7.44
CA MET A 88 -1.51 -6.94 -8.87
C MET A 88 -1.20 -8.28 -9.47
N ASP A 89 -1.60 -8.53 -10.71
CA ASP A 89 -1.38 -9.83 -11.32
C ASP A 89 0.07 -10.07 -11.77
N THR A 90 0.96 -9.10 -11.54
CA THR A 90 2.38 -9.36 -11.69
C THR A 90 3.11 -9.30 -10.34
N VAL A 91 2.36 -9.30 -9.23
CA VAL A 91 2.96 -9.26 -7.89
C VAL A 91 2.46 -10.37 -6.93
N THR A 92 1.14 -10.51 -6.75
CA THR A 92 0.67 -11.39 -5.67
C THR A 92 -0.35 -12.42 -6.12
N GLU A 93 0.10 -13.67 -6.23
CA GLU A 93 -0.78 -14.83 -6.26
C GLU A 93 -0.37 -15.67 -5.06
N SER A 94 -0.78 -16.93 -4.98
CA SER A 94 -0.62 -17.66 -3.71
C SER A 94 0.84 -17.80 -3.28
N ARG A 95 1.75 -17.93 -4.24
CA ARG A 95 3.17 -18.11 -3.88
C ARG A 95 3.71 -16.89 -3.15
N MET A 96 3.40 -15.71 -3.68
CA MET A 96 3.82 -14.48 -3.04
C MET A 96 3.13 -14.29 -1.69
N ALA A 97 1.84 -14.59 -1.62
CA ALA A 97 1.10 -14.44 -0.35
C ALA A 97 1.68 -15.34 0.76
N ILE A 98 2.04 -16.56 0.40
CA ILE A 98 2.63 -17.48 1.37
C ILE A 98 3.97 -16.95 1.85
N ALA A 99 4.79 -16.49 0.91
CA ALA A 99 6.13 -16.02 1.25
C ALA A 99 6.07 -14.76 2.08
N MET A 100 5.12 -13.86 1.75
CA MET A 100 4.96 -12.62 2.50
C MET A 100 4.53 -12.91 3.94
N ALA A 101 3.55 -13.80 4.11
CA ALA A 101 3.09 -14.14 5.44
C ALA A 101 4.21 -14.81 6.26
N ARG A 102 5.00 -15.67 5.63
CA ARG A 102 6.09 -16.35 6.32
C ARG A 102 7.19 -15.36 6.72
N ALA A 103 7.33 -14.30 5.94
CA ALA A 103 8.32 -13.24 6.21
C ALA A 103 7.82 -12.26 7.26
N GLY A 104 6.59 -12.45 7.72
CA GLY A 104 6.02 -11.61 8.76
C GLY A 104 5.11 -10.48 8.27
N GLY A 105 4.87 -10.44 6.96
CA GLY A 105 3.98 -9.45 6.37
C GLY A 105 2.71 -10.12 5.84
N MET A 106 2.21 -9.65 4.72
CA MET A 106 0.98 -10.25 4.16
C MET A 106 0.89 -9.96 2.69
N GLY A 107 0.20 -10.82 1.94
CA GLY A 107 -0.07 -10.52 0.55
C GLY A 107 -1.54 -10.23 0.37
N VAL A 108 -1.86 -9.41 -0.63
CA VAL A 108 -3.26 -9.21 -1.04
C VAL A 108 -3.41 -9.80 -2.43
N LEU A 109 -4.15 -10.91 -2.52
CA LEU A 109 -4.37 -11.57 -3.81
C LEU A 109 -5.12 -10.69 -4.80
N HIS A 110 -4.61 -10.59 -6.03
CA HIS A 110 -5.23 -9.73 -7.04
C HIS A 110 -6.57 -10.27 -7.53
N ARG A 111 -7.36 -9.41 -8.17
CA ARG A 111 -8.72 -9.77 -8.55
C ARG A 111 -8.94 -9.85 -10.06
N ASN A 112 -7.84 -9.96 -10.80
CA ASN A 112 -7.91 -10.14 -12.24
C ASN A 112 -7.90 -11.62 -12.61
N LEU A 113 -8.82 -12.36 -12.01
CA LEU A 113 -8.95 -13.78 -12.27
C LEU A 113 -10.32 -14.21 -11.77
N PRO A 114 -10.81 -15.36 -12.23
CA PRO A 114 -12.17 -15.74 -11.84
C PRO A 114 -12.29 -15.89 -10.33
N VAL A 115 -13.51 -15.68 -9.84
CA VAL A 115 -13.80 -15.76 -8.41
C VAL A 115 -13.35 -17.09 -7.82
N ALA A 116 -13.68 -18.18 -8.53
CA ALA A 116 -13.35 -19.53 -8.06
C ALA A 116 -11.84 -19.70 -7.88
N GLU A 117 -11.07 -19.13 -8.80
CA GLU A 117 -9.61 -19.25 -8.74
C GLU A 117 -9.01 -18.41 -7.62
N GLN A 118 -9.55 -17.21 -7.41
CA GLN A 118 -9.06 -16.35 -6.35
C GLN A 118 -9.37 -16.97 -4.99
N ALA A 119 -10.59 -17.50 -4.86
CA ALA A 119 -10.98 -18.16 -3.61
C ALA A 119 -10.11 -19.39 -3.37
N GLY A 120 -9.79 -20.12 -4.44
CA GLY A 120 -8.90 -21.26 -4.37
C GLY A 120 -7.53 -20.88 -3.83
N GLN A 121 -7.02 -19.72 -4.24
CA GLN A 121 -5.68 -19.30 -3.82
C GLN A 121 -5.71 -18.88 -2.36
N VAL A 122 -6.84 -18.33 -1.91
CA VAL A 122 -7.02 -18.07 -0.48
C VAL A 122 -6.89 -19.36 0.31
N GLU A 123 -7.56 -20.41 -0.15
CA GLU A 123 -7.48 -21.70 0.52
C GLU A 123 -6.04 -22.25 0.51
N MET A 124 -5.32 -22.06 -0.60
CA MET A 124 -3.93 -22.52 -0.68
C MET A 124 -3.04 -21.86 0.36
N VAL A 125 -3.32 -20.59 0.62
CA VAL A 125 -2.54 -19.86 1.61
C VAL A 125 -2.89 -20.32 3.04
N LYS A 126 -4.19 -20.45 3.31
CA LYS A 126 -4.65 -20.80 4.64
C LYS A 126 -4.22 -22.22 5.01
N ARG A 127 -4.07 -23.08 4.00
CA ARG A 127 -3.68 -24.46 4.24
C ARG A 127 -2.16 -24.60 4.42
N SER A 128 -1.44 -23.50 4.28
CA SER A 128 0.01 -23.52 4.43
C SER A 128 0.42 -23.10 5.82
N GLY A 129 -0.39 -23.45 6.80
CA GLY A 129 -0.07 -23.18 8.19
C GLY A 129 -0.82 -22.02 8.84
N GLY A 130 -2.06 -21.79 8.42
CA GLY A 130 -2.87 -20.74 9.01
C GLY A 130 -2.26 -19.35 8.87
N LEU A 131 -1.58 -19.14 7.75
CA LEU A 131 -1.00 -17.85 7.42
C LEU A 131 -2.07 -16.82 7.17
N LEU A 132 -1.79 -15.54 7.48
CA LEU A 132 -2.67 -14.43 7.14
C LEU A 132 -2.72 -14.22 5.62
N VAL A 133 -3.89 -13.83 5.13
CA VAL A 133 -3.99 -13.47 3.72
C VAL A 133 -5.12 -12.47 3.48
N GLY A 134 -4.91 -11.59 2.52
CA GLY A 134 -5.96 -10.70 2.06
C GLY A 134 -6.26 -10.93 0.58
N ALA A 135 -7.36 -10.35 0.13
CA ALA A 135 -7.76 -10.48 -1.27
C ALA A 135 -8.53 -9.24 -1.67
N ALA A 136 -8.35 -8.83 -2.92
CA ALA A 136 -8.98 -7.62 -3.45
C ALA A 136 -10.34 -7.92 -4.06
N VAL A 137 -11.26 -6.97 -3.88
CA VAL A 137 -12.55 -6.99 -4.59
C VAL A 137 -12.84 -5.61 -5.12
N GLY A 138 -13.69 -5.53 -6.13
CA GLY A 138 -14.08 -4.24 -6.67
C GLY A 138 -15.41 -3.77 -6.07
N VAL A 139 -16.26 -3.16 -6.89
CA VAL A 139 -17.52 -2.62 -6.43
C VAL A 139 -18.67 -3.17 -7.33
N GLY A 140 -19.84 -3.42 -6.74
CA GLY A 140 -20.98 -3.94 -7.50
C GLY A 140 -21.37 -5.38 -7.19
N GLY A 141 -22.39 -5.88 -7.88
CA GLY A 141 -22.90 -7.24 -7.70
C GLY A 141 -21.88 -8.37 -7.87
N ASP A 142 -21.08 -8.33 -8.92
N ASP A 142 -21.09 -8.33 -8.92
CA ASP A 142 -20.08 -9.38 -9.14
CA ASP A 142 -20.07 -9.36 -9.15
C ASP A 142 -18.96 -9.30 -8.10
C ASP A 142 -18.99 -9.31 -8.06
N ALA A 143 -18.60 -8.10 -7.69
CA ALA A 143 -17.64 -7.91 -6.61
C ALA A 143 -18.21 -8.47 -5.29
N TRP A 144 -19.52 -8.34 -5.10
CA TRP A 144 -20.15 -8.88 -3.88
C TRP A 144 -20.07 -10.41 -3.82
N VAL A 145 -20.42 -11.06 -4.92
CA VAL A 145 -20.31 -12.51 -5.02
C VAL A 145 -18.88 -12.95 -4.75
N ARG A 146 -17.93 -12.22 -5.36
CA ARG A 146 -16.52 -12.49 -5.15
C ARG A 146 -16.17 -12.38 -3.68
N ALA A 147 -16.59 -11.30 -3.04
CA ALA A 147 -16.32 -11.10 -1.61
C ALA A 147 -16.86 -12.24 -0.75
N MET A 148 -18.09 -12.67 -1.02
CA MET A 148 -18.69 -13.71 -0.19
C MET A 148 -17.93 -15.03 -0.32
N MET A 149 -17.44 -15.31 -1.52
CA MET A 149 -16.67 -16.53 -1.76
C MET A 149 -15.32 -16.48 -1.03
N LEU A 150 -14.69 -15.31 -1.06
CA LEU A 150 -13.42 -15.10 -0.36
C LEU A 150 -13.60 -15.29 1.14
N VAL A 151 -14.69 -14.74 1.70
CA VAL A 151 -14.96 -14.90 3.13
C VAL A 151 -15.16 -16.38 3.46
N ASP A 152 -15.92 -17.08 2.63
CA ASP A 152 -16.12 -18.51 2.81
C ASP A 152 -14.82 -19.32 2.72
N ALA A 153 -13.87 -18.85 1.91
CA ALA A 153 -12.60 -19.55 1.76
C ALA A 153 -11.66 -19.25 2.92
N GLY A 154 -12.07 -18.34 3.80
CA GLY A 154 -11.33 -18.04 5.02
C GLY A 154 -10.39 -16.86 4.97
N VAL A 155 -10.62 -15.93 4.04
CA VAL A 155 -9.73 -14.78 3.95
C VAL A 155 -9.79 -13.94 5.23
N ASP A 156 -8.67 -13.34 5.58
CA ASP A 156 -8.60 -12.52 6.80
C ASP A 156 -8.96 -11.06 6.58
N VAL A 157 -8.66 -10.58 5.38
CA VAL A 157 -8.81 -9.16 5.03
C VAL A 157 -9.37 -9.03 3.63
N LEU A 158 -10.49 -8.31 3.51
CA LEU A 158 -10.99 -7.93 2.19
C LEU A 158 -10.50 -6.54 1.90
N VAL A 159 -9.94 -6.36 0.71
CA VAL A 159 -9.51 -5.03 0.32
C VAL A 159 -10.42 -4.53 -0.79
N VAL A 160 -11.26 -3.55 -0.48
CA VAL A 160 -12.00 -2.87 -1.54
C VAL A 160 -11.02 -2.00 -2.32
N ASP A 161 -10.76 -2.43 -3.55
CA ASP A 161 -9.55 -2.11 -4.28
C ASP A 161 -9.86 -1.25 -5.50
N THR A 162 -9.79 0.08 -5.32
CA THR A 162 -10.22 1.02 -6.38
C THR A 162 -9.27 2.19 -6.52
N ALA A 163 -9.37 2.87 -7.65
CA ALA A 163 -8.58 4.07 -7.88
C ALA A 163 -9.09 5.27 -7.10
N HIS A 164 -10.35 5.23 -6.65
CA HIS A 164 -10.96 6.44 -6.10
C HIS A 164 -12.02 6.10 -5.06
N ALA A 165 -11.58 5.91 -3.81
CA ALA A 165 -12.52 5.49 -2.76
C ALA A 165 -13.44 6.61 -2.30
N HIS A 166 -13.18 7.85 -2.71
CA HIS A 166 -14.11 8.93 -2.38
C HIS A 166 -15.32 8.94 -3.32
N ASN A 167 -15.35 8.04 -4.30
CA ASN A 167 -16.59 7.84 -5.03
C ASN A 167 -17.65 7.20 -4.10
N ARG A 168 -18.86 7.73 -4.11
CA ARG A 168 -19.96 7.26 -3.25
C ARG A 168 -20.17 5.73 -3.35
N LEU A 169 -19.93 5.17 -4.53
CA LEU A 169 -20.16 3.74 -4.77
C LEU A 169 -19.15 2.90 -3.96
N VAL A 170 -17.95 3.41 -3.80
CA VAL A 170 -16.94 2.67 -3.05
C VAL A 170 -17.25 2.76 -1.54
N LEU A 171 -17.64 3.93 -1.08
CA LEU A 171 -17.98 4.08 0.33
C LEU A 171 -19.15 3.17 0.67
N ASP A 172 -20.10 3.05 -0.26
CA ASP A 172 -21.25 2.15 -0.05
C ASP A 172 -20.80 0.69 0.03
N MET A 173 -19.86 0.28 -0.81
CA MET A 173 -19.36 -1.11 -0.81
C MET A 173 -18.66 -1.41 0.49
N VAL A 174 -17.82 -0.48 0.95
CA VAL A 174 -17.14 -0.70 2.23
C VAL A 174 -18.15 -0.85 3.37
N GLY A 175 -19.17 0.00 3.40
CA GLY A 175 -20.16 -0.04 4.47
C GLY A 175 -20.98 -1.32 4.40
N LYS A 176 -21.38 -1.69 3.20
CA LYS A 176 -22.19 -2.91 3.03
C LYS A 176 -21.41 -4.15 3.46
N LEU A 177 -20.14 -4.25 3.10
CA LEU A 177 -19.31 -5.40 3.49
C LEU A 177 -19.14 -5.44 5.00
N LYS A 178 -18.84 -4.29 5.60
CA LYS A 178 -18.61 -4.25 7.04
C LYS A 178 -19.86 -4.63 7.81
N SER A 179 -21.03 -4.19 7.37
CA SER A 179 -22.24 -4.57 8.09
C SER A 179 -22.57 -6.05 7.89
N GLU A 180 -22.23 -6.61 6.74
CA GLU A 180 -22.58 -8.00 6.43
C GLU A 180 -21.62 -9.03 6.99
N VAL A 181 -20.33 -8.81 6.81
CA VAL A 181 -19.35 -9.83 7.17
C VAL A 181 -18.30 -9.28 8.08
N GLY A 182 -18.62 -8.15 8.72
CA GLY A 182 -17.64 -7.33 9.38
C GLY A 182 -16.97 -7.83 10.64
N ASP A 183 -17.56 -8.80 11.32
CA ASP A 183 -16.81 -9.28 12.48
C ASP A 183 -16.20 -10.64 12.18
N ARG A 184 -16.45 -11.16 10.99
CA ARG A 184 -15.67 -12.32 10.53
C ARG A 184 -14.43 -11.91 9.75
N VAL A 185 -14.43 -10.70 9.18
CA VAL A 185 -13.34 -10.34 8.33
C VAL A 185 -13.03 -8.85 8.45
N GLU A 186 -11.78 -8.46 8.22
CA GLU A 186 -11.43 -7.06 8.23
C GLU A 186 -11.65 -6.45 6.86
N VAL A 187 -12.11 -5.21 6.81
CA VAL A 187 -12.44 -4.57 5.53
C VAL A 187 -11.62 -3.31 5.36
N VAL A 188 -10.77 -3.32 4.34
CA VAL A 188 -9.88 -2.20 4.01
C VAL A 188 -10.49 -1.46 2.85
N GLY A 189 -10.42 -0.13 2.88
CA GLY A 189 -10.93 0.66 1.78
C GLY A 189 -9.81 1.53 1.21
N GLY A 190 -9.84 1.73 -0.11
CA GLY A 190 -8.83 2.58 -0.76
C GLY A 190 -9.16 2.71 -2.24
N ASN A 191 -8.46 3.59 -2.97
CA ASN A 191 -7.42 4.43 -2.40
C ASN A 191 -7.85 5.89 -2.27
N VAL A 192 -7.23 6.59 -1.32
CA VAL A 192 -7.56 7.99 -1.07
C VAL A 192 -6.29 8.81 -1.05
N ALA A 193 -6.44 10.13 -1.16
CA ALA A 193 -5.27 10.99 -1.17
C ALA A 193 -5.49 12.25 -0.36
N THR A 194 -6.62 12.32 0.36
CA THR A 194 -6.98 13.53 1.11
C THR A 194 -7.54 13.17 2.48
N ARG A 195 -7.51 14.17 3.37
CA ARG A 195 -8.10 14.05 4.69
C ARG A 195 -9.60 13.77 4.60
N SER A 196 -10.32 14.50 3.74
CA SER A 196 -11.76 14.30 3.63
C SER A 196 -12.11 12.89 3.12
N ALA A 197 -11.31 12.34 2.23
CA ALA A 197 -11.60 11.01 1.69
C ALA A 197 -11.34 9.94 2.77
N ALA A 198 -10.26 10.13 3.51
CA ALA A 198 -9.93 9.21 4.61
C ALA A 198 -11.04 9.24 5.65
N ALA A 199 -11.50 10.45 6.00
CA ALA A 199 -12.58 10.60 6.98
C ALA A 199 -13.85 9.90 6.50
N ALA A 200 -14.11 9.95 5.19
CA ALA A 200 -15.32 9.31 4.67
C ALA A 200 -15.21 7.80 4.80
N LEU A 201 -14.03 7.25 4.57
CA LEU A 201 -13.86 5.81 4.71
C LEU A 201 -13.97 5.39 6.18
N VAL A 202 -13.43 6.22 7.08
CA VAL A 202 -13.58 5.98 8.52
C VAL A 202 -15.06 5.92 8.89
N ASP A 203 -15.83 6.90 8.43
CA ASP A 203 -17.26 6.93 8.70
C ASP A 203 -18.01 5.72 8.10
N ALA A 204 -17.53 5.21 6.96
CA ALA A 204 -18.16 4.05 6.33
C ALA A 204 -17.82 2.76 7.07
N GLY A 205 -16.85 2.82 7.99
CA GLY A 205 -16.49 1.70 8.84
C GLY A 205 -15.24 0.92 8.46
N ALA A 206 -14.37 1.51 7.64
CA ALA A 206 -13.15 0.83 7.22
C ALA A 206 -12.28 0.44 8.42
N ASP A 207 -11.65 -0.72 8.33
CA ASP A 207 -10.77 -1.17 9.39
C ASP A 207 -9.32 -0.73 9.13
N ALA A 208 -9.07 -0.25 7.91
CA ALA A 208 -7.84 0.48 7.52
C ALA A 208 -8.13 1.31 6.31
N VAL A 209 -7.31 2.34 6.12
CA VAL A 209 -7.49 3.23 4.97
C VAL A 209 -6.22 3.22 4.12
N LYS A 210 -6.38 2.93 2.83
CA LYS A 210 -5.20 2.80 1.99
C LYS A 210 -5.01 4.07 1.17
N VAL A 211 -3.80 4.61 1.21
CA VAL A 211 -3.49 5.93 0.62
C VAL A 211 -2.60 5.82 -0.57
N GLY A 212 -3.03 6.47 -1.66
CA GLY A 212 -2.22 6.60 -2.84
C GLY A 212 -3.05 6.79 -4.08
N VAL A 213 -3.09 8.03 -4.58
CA VAL A 213 -3.72 8.33 -5.85
C VAL A 213 -2.66 9.04 -6.66
N GLY A 214 -2.17 8.38 -7.69
CA GLY A 214 -1.08 8.95 -8.48
C GLY A 214 0.36 8.49 -8.31
N PRO A 215 0.74 7.87 -7.16
CA PRO A 215 2.19 7.70 -6.97
C PRO A 215 2.82 6.42 -7.53
N GLY A 216 2.03 5.42 -7.91
CA GLY A 216 2.60 4.15 -8.32
C GLY A 216 3.60 4.25 -9.46
N SER A 217 4.63 3.42 -9.43
CA SER A 217 5.66 3.43 -10.45
C SER A 217 5.11 3.19 -11.87
N ILE A 218 4.03 2.43 -11.96
CA ILE A 218 3.45 2.08 -13.25
C ILE A 218 2.17 2.89 -13.47
N CYS A 219 1.96 3.89 -12.62
CA CYS A 219 0.77 4.75 -12.66
C CYS A 219 0.93 5.89 -13.68
N THR A 220 -0.09 6.10 -14.52
CA THR A 220 -0.08 7.24 -15.42
C THR A 220 -1.27 8.16 -15.19
N THR A 221 -1.96 7.97 -14.07
CA THR A 221 -3.06 8.84 -13.65
C THR A 221 -2.68 10.34 -13.65
N ARG A 222 -1.47 10.65 -13.20
N ARG A 222 -1.49 10.67 -13.18
CA ARG A 222 -1.03 12.04 -13.21
CA ARG A 222 -1.03 12.06 -13.26
C ARG A 222 -0.90 12.62 -14.63
C ARG A 222 -1.04 12.59 -14.68
N VAL A 223 -0.56 11.78 -15.61
CA VAL A 223 -0.43 12.23 -16.97
C VAL A 223 -1.76 12.20 -17.72
N VAL A 224 -2.54 11.15 -17.51
CA VAL A 224 -3.76 10.96 -18.26
C VAL A 224 -4.90 11.81 -17.75
N ALA A 225 -5.08 11.83 -16.43
CA ALA A 225 -6.18 12.56 -15.82
C ALA A 225 -5.70 13.87 -15.21
N GLY A 226 -4.40 14.01 -15.00
CA GLY A 226 -3.88 15.19 -14.34
C GLY A 226 -4.18 15.26 -12.85
N VAL A 227 -4.45 14.09 -12.25
CA VAL A 227 -4.95 13.96 -10.89
C VAL A 227 -3.91 13.26 -10.03
N GLY A 228 -3.75 13.70 -8.80
CA GLY A 228 -2.89 12.98 -7.89
C GLY A 228 -2.61 13.80 -6.64
N ALA A 229 -1.89 13.19 -5.71
CA ALA A 229 -1.40 13.89 -4.54
C ALA A 229 -0.06 13.29 -4.15
N PRO A 230 0.98 14.13 -4.04
CA PRO A 230 2.27 13.63 -3.57
C PRO A 230 2.14 12.88 -2.23
N GLN A 231 2.87 11.79 -2.09
CA GLN A 231 2.51 10.77 -1.12
C GLN A 231 2.81 11.10 0.34
N ILE A 232 3.87 11.86 0.63
CA ILE A 232 4.08 12.23 2.04
C ILE A 232 2.92 13.12 2.53
N THR A 233 2.56 14.12 1.74
CA THR A 233 1.45 15.00 2.12
C THR A 233 0.13 14.22 2.18
N ALA A 234 -0.08 13.31 1.24
CA ALA A 234 -1.28 12.49 1.25
C ALA A 234 -1.35 11.65 2.55
N ILE A 235 -0.23 11.08 2.96
CA ILE A 235 -0.21 10.30 4.21
C ILE A 235 -0.46 11.21 5.40
N LEU A 236 0.24 12.35 5.46
CA LEU A 236 0.04 13.28 6.58
C LEU A 236 -1.43 13.70 6.71
N GLU A 237 -2.07 13.96 5.57
CA GLU A 237 -3.47 14.34 5.61
C GLU A 237 -4.41 13.20 5.98
N ALA A 238 -4.18 12.01 5.42
CA ALA A 238 -5.05 10.87 5.76
C ALA A 238 -4.90 10.51 7.24
N VAL A 239 -3.68 10.58 7.73
CA VAL A 239 -3.42 10.26 9.14
C VAL A 239 -4.12 11.26 10.06
N ALA A 240 -4.22 12.52 9.63
CA ALA A 240 -4.91 13.53 10.45
C ALA A 240 -6.41 13.17 10.66
N ALA A 241 -6.98 12.40 9.74
CA ALA A 241 -8.37 11.89 9.91
C ALA A 241 -8.41 10.53 10.61
N CYS A 242 -7.46 9.67 10.28
CA CYS A 242 -7.50 8.28 10.70
C CYS A 242 -6.97 8.03 12.11
N ARG A 243 -5.85 8.67 12.45
CA ARG A 243 -5.25 8.48 13.77
C ARG A 243 -6.21 8.84 14.92
N PRO A 244 -6.92 9.98 14.86
CA PRO A 244 -7.83 10.27 15.96
C PRO A 244 -8.98 9.27 16.03
N ALA A 245 -9.18 8.50 14.98
CA ALA A 245 -10.27 7.52 14.96
C ALA A 245 -9.76 6.12 15.25
N GLY A 246 -8.44 5.99 15.46
CA GLY A 246 -7.85 4.70 15.76
C GLY A 246 -7.81 3.76 14.57
N VAL A 247 -7.76 4.33 13.37
CA VAL A 247 -7.78 3.53 12.14
C VAL A 247 -6.41 3.59 11.45
N PRO A 248 -5.80 2.42 11.22
CA PRO A 248 -4.46 2.40 10.59
C PRO A 248 -4.47 2.83 9.14
N VAL A 249 -3.38 3.47 8.71
CA VAL A 249 -3.21 3.92 7.33
C VAL A 249 -2.15 3.05 6.63
N ILE A 250 -2.49 2.53 5.46
CA ILE A 250 -1.60 1.76 4.60
C ILE A 250 -1.08 2.68 3.51
N ALA A 251 0.24 2.90 3.47
CA ALA A 251 0.82 3.72 2.41
C ALA A 251 1.05 2.88 1.17
N ASP A 252 0.38 3.23 0.07
CA ASP A 252 0.39 2.41 -1.13
C ASP A 252 0.84 3.14 -2.39
N GLY A 253 2.04 2.79 -2.88
CA GLY A 253 2.51 3.33 -4.15
C GLY A 253 3.66 4.31 -3.97
N GLY A 254 4.62 4.22 -4.89
CA GLY A 254 5.71 5.18 -4.97
C GLY A 254 6.90 4.88 -4.10
N LEU A 255 6.85 3.79 -3.35
CA LEU A 255 8.01 3.41 -2.54
C LEU A 255 9.06 2.77 -3.45
N GLN A 256 10.24 3.38 -3.56
CA GLN A 256 11.27 2.90 -4.48
C GLN A 256 12.48 2.30 -3.76
N TYR A 257 12.61 2.65 -2.49
CA TYR A 257 13.79 2.30 -1.70
C TYR A 257 13.37 1.94 -0.29
N SER A 258 14.20 1.19 0.43
CA SER A 258 13.85 0.87 1.81
C SER A 258 13.68 2.13 2.65
N GLY A 259 14.48 3.17 2.36
CA GLY A 259 14.35 4.43 3.06
C GLY A 259 12.96 5.05 2.95
N ASP A 260 12.28 4.80 1.84
CA ASP A 260 10.92 5.32 1.66
C ASP A 260 9.90 4.70 2.62
N ILE A 261 10.11 3.44 2.98
CA ILE A 261 9.26 2.76 3.94
C ILE A 261 9.35 3.47 5.28
N ALA A 262 10.58 3.80 5.70
CA ALA A 262 10.74 4.50 6.97
C ALA A 262 10.07 5.87 6.91
N LYS A 263 10.18 6.55 5.77
CA LYS A 263 9.56 7.84 5.59
C LYS A 263 8.02 7.73 5.66
N ALA A 264 7.44 6.72 4.99
CA ALA A 264 5.99 6.55 5.00
C ALA A 264 5.44 6.32 6.41
N LEU A 265 6.17 5.49 7.17
CA LEU A 265 5.74 5.17 8.52
C LEU A 265 5.94 6.35 9.43
N ALA A 266 7.05 7.09 9.27
CA ALA A 266 7.22 8.30 10.05
C ALA A 266 6.15 9.37 9.78
N ALA A 267 5.65 9.44 8.53
CA ALA A 267 4.56 10.36 8.19
C ALA A 267 3.24 9.91 8.86
N GLY A 268 3.22 8.71 9.40
CA GLY A 268 2.08 8.27 10.21
C GLY A 268 1.38 7.02 9.71
N ALA A 269 1.81 6.51 8.56
CA ALA A 269 1.29 5.23 8.10
C ALA A 269 1.68 4.14 9.06
N SER A 270 0.89 3.07 9.10
CA SER A 270 1.20 1.93 9.94
C SER A 270 1.78 0.75 9.15
N THR A 271 1.52 0.69 7.85
CA THR A 271 2.15 -0.31 6.98
C THR A 271 2.33 0.32 5.63
N ALA A 272 3.12 -0.35 4.81
CA ALA A 272 3.35 0.06 3.44
C ALA A 272 3.02 -1.08 2.49
N MET A 273 2.40 -0.75 1.37
CA MET A 273 2.12 -1.72 0.33
C MET A 273 3.09 -1.52 -0.83
N LEU A 274 3.67 -2.63 -1.30
CA LEU A 274 4.74 -2.59 -2.29
C LEU A 274 4.40 -3.37 -3.54
N GLY A 275 4.60 -2.72 -4.69
CA GLY A 275 4.41 -3.34 -6.00
C GLY A 275 5.76 -3.55 -6.66
N SER A 276 6.35 -2.49 -7.18
CA SER A 276 7.59 -2.62 -7.95
C SER A 276 8.74 -3.24 -7.15
N LEU A 277 8.85 -2.92 -5.85
CA LEU A 277 9.94 -3.48 -5.04
C LEU A 277 9.83 -5.00 -4.89
N LEU A 278 8.64 -5.56 -5.11
CA LEU A 278 8.46 -7.00 -4.96
C LEU A 278 8.23 -7.71 -6.31
N ALA A 279 7.91 -6.95 -7.36
CA ALA A 279 7.62 -7.55 -8.66
C ALA A 279 8.79 -8.32 -9.28
N GLY A 280 10.00 -7.95 -8.91
CA GLY A 280 11.14 -8.64 -9.50
C GLY A 280 11.48 -9.96 -8.84
N THR A 281 10.75 -10.35 -7.80
CA THR A 281 11.14 -11.53 -7.01
C THR A 281 10.72 -12.85 -7.63
N ALA A 282 11.40 -13.92 -7.21
CA ALA A 282 11.12 -15.27 -7.68
C ALA A 282 9.65 -15.64 -7.46
N GLU A 283 9.08 -15.16 -6.36
CA GLU A 283 7.74 -15.58 -5.95
C GLU A 283 6.66 -14.83 -6.69
N ALA A 284 7.03 -13.71 -7.32
CA ALA A 284 6.05 -12.92 -8.10
C ALA A 284 5.60 -13.73 -9.33
N PRO A 285 4.34 -13.58 -9.75
CA PRO A 285 3.89 -14.29 -10.95
C PRO A 285 4.67 -13.85 -12.17
N GLY A 286 4.74 -14.70 -13.18
CA GLY A 286 5.44 -14.34 -14.39
C GLY A 286 6.79 -15.04 -14.44
N GLU A 287 7.34 -15.15 -15.64
CA GLU A 287 8.59 -15.86 -15.79
C GLU A 287 9.76 -14.91 -15.93
N LEU A 288 10.96 -15.48 -15.83
CA LEU A 288 12.19 -14.74 -15.98
C LEU A 288 12.42 -14.33 -17.44
N ILE A 289 12.68 -13.06 -17.65
CA ILE A 289 13.05 -12.57 -18.98
C ILE A 289 14.55 -12.31 -19.06
N PHE A 290 15.25 -13.06 -19.92
CA PHE A 290 16.69 -12.89 -20.10
C PHE A 290 17.00 -11.92 -21.24
N VAL A 291 17.63 -10.80 -20.91
CA VAL A 291 18.00 -9.81 -21.91
C VAL A 291 19.41 -9.32 -21.66
N ASN A 292 20.28 -9.49 -22.65
CA ASN A 292 21.66 -9.01 -22.58
C ASN A 292 22.40 -9.54 -21.36
N GLY A 293 22.09 -10.78 -20.98
CA GLY A 293 22.75 -11.41 -19.84
C GLY A 293 22.19 -10.93 -18.52
N LYS A 294 21.21 -10.04 -18.61
CA LYS A 294 20.50 -9.55 -17.44
C LYS A 294 19.12 -10.19 -17.38
N GLN A 295 18.57 -10.30 -16.19
CA GLN A 295 17.25 -10.89 -16.03
C GLN A 295 16.21 -9.86 -15.62
N TYR A 296 15.00 -9.99 -16.17
CA TYR A 296 13.90 -9.12 -15.82
C TYR A 296 12.62 -9.90 -15.57
N LYS A 297 11.66 -9.24 -14.97
CA LYS A 297 10.32 -9.79 -14.91
C LYS A 297 9.33 -8.72 -15.34
N SER A 298 8.25 -9.17 -15.97
CA SER A 298 7.16 -8.28 -16.35
C SER A 298 6.49 -7.64 -15.12
N TYR A 299 6.20 -6.34 -15.23
CA TYR A 299 5.47 -5.64 -14.19
C TYR A 299 4.54 -4.67 -14.89
N ARG A 300 3.26 -4.67 -14.52
CA ARG A 300 2.30 -3.85 -15.25
C ARG A 300 1.22 -3.30 -14.34
N GLY A 301 0.70 -2.13 -14.65
CA GLY A 301 -0.41 -1.60 -13.87
C GLY A 301 -1.64 -2.46 -14.09
N MET A 302 -2.53 -2.46 -13.12
CA MET A 302 -3.78 -3.21 -13.23
C MET A 302 -4.77 -2.42 -14.08
N GLY A 303 -4.41 -1.18 -14.39
CA GLY A 303 -5.17 -0.37 -15.32
C GLY A 303 -4.52 -0.31 -16.69
N SER A 304 -3.45 -1.10 -16.91
CA SER A 304 -2.80 -1.15 -18.23
C SER A 304 -3.69 -1.85 -19.23
N LEU A 305 -3.42 -1.67 -20.51
CA LEU A 305 -4.18 -2.32 -21.57
C LEU A 305 -4.15 -3.83 -21.42
N GLY A 306 -2.96 -4.37 -21.16
CA GLY A 306 -2.77 -5.79 -20.99
C GLY A 306 -3.54 -6.38 -19.81
N ALA A 307 -3.63 -5.61 -18.73
CA ALA A 307 -4.40 -6.05 -17.55
C ALA A 307 -5.92 -5.94 -17.77
N MET A 308 -6.37 -4.85 -18.39
CA MET A 308 -7.80 -4.66 -18.63
C MET A 308 -8.34 -5.67 -19.64
N LEU A 333 -10.76 2.11 -24.69
CA LEU A 333 -10.14 2.14 -23.36
C LEU A 333 -9.06 3.21 -23.23
N VAL A 334 -9.10 3.96 -22.14
CA VAL A 334 -8.07 4.93 -21.82
C VAL A 334 -7.33 4.47 -20.57
N PRO A 335 -6.22 3.74 -20.77
CA PRO A 335 -5.49 3.13 -19.65
C PRO A 335 -4.84 4.17 -18.75
N GLU A 336 -4.71 3.83 -17.47
CA GLU A 336 -4.02 4.69 -16.52
C GLU A 336 -2.88 3.93 -15.87
N GLY A 337 -2.42 2.88 -16.55
CA GLY A 337 -1.24 2.18 -16.13
C GLY A 337 -0.43 1.75 -17.34
N ILE A 338 0.85 1.44 -17.13
CA ILE A 338 1.71 0.97 -18.20
C ILE A 338 2.17 -0.47 -17.97
N GLU A 339 2.63 -1.10 -19.05
CA GLU A 339 3.23 -2.41 -19.02
C GLU A 339 4.75 -2.26 -19.15
N GLY A 340 5.50 -2.83 -18.23
CA GLY A 340 6.93 -2.67 -18.26
C GLY A 340 7.65 -3.88 -17.72
N ARG A 341 8.89 -3.67 -17.29
CA ARG A 341 9.65 -4.73 -16.64
C ARG A 341 10.53 -4.16 -15.55
N VAL A 342 10.93 -5.02 -14.63
CA VAL A 342 11.76 -4.64 -13.50
C VAL A 342 12.90 -5.65 -13.42
N PRO A 343 14.04 -5.24 -12.86
CA PRO A 343 15.14 -6.17 -12.65
C PRO A 343 14.73 -7.35 -11.77
N PHE A 344 15.19 -8.54 -12.14
CA PHE A 344 15.01 -9.72 -11.32
C PHE A 344 15.79 -9.57 -10.01
N ARG A 345 15.14 -9.89 -8.89
CA ARG A 345 15.69 -9.57 -7.58
C ARG A 345 15.99 -10.81 -6.74
N GLY A 346 15.66 -12.01 -7.23
CA GLY A 346 15.89 -13.21 -6.44
C GLY A 346 14.78 -13.49 -5.44
N PRO A 347 15.05 -14.34 -4.43
CA PRO A 347 14.03 -14.72 -3.46
C PRO A 347 13.41 -13.56 -2.70
N LEU A 348 12.11 -13.64 -2.46
CA LEU A 348 11.40 -12.62 -1.68
C LEU A 348 12.00 -12.45 -0.31
N SER A 349 12.33 -13.56 0.33
CA SER A 349 12.83 -13.53 1.70
C SER A 349 14.03 -12.58 1.85
N SER A 350 14.92 -12.62 0.86
N SER A 350 14.92 -12.60 0.87
CA SER A 350 16.11 -11.77 0.87
CA SER A 350 16.11 -11.75 0.91
C SER A 350 15.78 -10.30 0.64
C SER A 350 15.79 -10.28 0.63
N VAL A 351 14.81 -10.04 -0.23
CA VAL A 351 14.38 -8.66 -0.48
C VAL A 351 13.76 -8.08 0.78
N ILE A 352 12.93 -8.87 1.45
CA ILE A 352 12.30 -8.37 2.66
C ILE A 352 13.35 -8.13 3.73
N HIS A 353 14.36 -9.00 3.84
CA HIS A 353 15.45 -8.77 4.81
C HIS A 353 16.15 -7.44 4.56
N GLN A 354 16.38 -7.09 3.30
CA GLN A 354 17.03 -5.81 2.99
C GLN A 354 16.13 -4.63 3.32
N LEU A 355 14.84 -4.74 2.99
CA LEU A 355 13.92 -3.67 3.30
C LEU A 355 13.75 -3.48 4.80
N THR A 356 13.61 -4.57 5.55
CA THR A 356 13.45 -4.44 7.01
C THR A 356 14.76 -3.94 7.63
N GLY A 357 15.89 -4.29 7.05
CA GLY A 357 17.17 -3.80 7.53
C GLY A 357 17.30 -2.29 7.41
N GLY A 358 16.83 -1.75 6.30
CA GLY A 358 16.80 -0.29 6.13
C GLY A 358 15.88 0.36 7.13
N LEU A 359 14.70 -0.24 7.34
CA LEU A 359 13.75 0.27 8.32
C LEU A 359 14.35 0.26 9.73
N ARG A 360 14.99 -0.84 10.08
CA ARG A 360 15.64 -0.93 11.40
C ARG A 360 16.74 0.13 11.56
N ALA A 361 17.48 0.39 10.48
CA ALA A 361 18.50 1.45 10.57
C ALA A 361 17.86 2.81 10.88
N ALA A 362 16.77 3.11 10.18
CA ALA A 362 16.01 4.35 10.40
C ALA A 362 15.51 4.42 11.84
N MET A 363 15.03 3.29 12.34
CA MET A 363 14.57 3.27 13.72
C MET A 363 15.71 3.56 14.69
N GLY A 364 16.90 3.02 14.43
CA GLY A 364 18.02 3.35 15.30
C GLY A 364 18.42 4.82 15.21
N TYR A 365 18.43 5.37 14.00
CA TYR A 365 18.83 6.77 13.82
C TYR A 365 17.85 7.73 14.50
N THR A 366 16.56 7.38 14.50
CA THR A 366 15.52 8.24 15.06
C THR A 366 15.23 7.94 16.51
N GLY A 367 15.89 6.93 17.08
CA GLY A 367 15.64 6.59 18.47
C GLY A 367 14.26 5.98 18.71
N SER A 368 13.77 5.24 17.72
CA SER A 368 12.44 4.63 17.77
C SER A 368 12.50 3.13 18.08
N PRO A 369 12.09 2.73 19.31
CA PRO A 369 12.11 1.29 19.59
C PRO A 369 10.98 0.52 18.94
N THR A 370 9.94 1.23 18.51
CA THR A 370 8.73 0.62 17.95
C THR A 370 8.26 1.49 16.80
N ILE A 371 7.39 0.93 15.97
CA ILE A 371 6.86 1.70 14.85
C ILE A 371 6.02 2.87 15.37
N GLU A 372 5.33 2.68 16.50
CA GLU A 372 4.55 3.75 17.11
C GLU A 372 5.43 4.97 17.44
N VAL A 373 6.67 4.75 17.87
CA VAL A 373 7.56 5.87 18.12
C VAL A 373 8.13 6.42 16.82
N LEU A 374 8.39 5.56 15.83
CA LEU A 374 8.83 6.04 14.53
C LEU A 374 7.81 7.01 13.91
N GLN A 375 6.54 6.79 14.20
CA GLN A 375 5.47 7.65 13.69
C GLN A 375 5.51 9.05 14.28
N GLN A 376 6.37 9.27 15.28
CA GLN A 376 6.55 10.60 15.88
C GLN A 376 7.84 11.28 15.42
N ALA A 377 8.56 10.67 14.50
CA ALA A 377 9.83 11.25 14.05
C ALA A 377 9.58 12.51 13.22
N GLN A 378 10.62 13.31 13.04
CA GLN A 378 10.49 14.54 12.28
C GLN A 378 11.25 14.49 10.96
N PHE A 379 10.81 15.32 10.02
CA PHE A 379 11.47 15.44 8.72
C PHE A 379 12.23 16.75 8.59
N VAL A 380 13.22 16.74 7.71
CA VAL A 380 13.76 17.96 7.13
C VAL A 380 13.43 17.94 5.66
N ARG A 381 12.98 19.08 5.14
CA ARG A 381 12.66 19.15 3.74
C ARG A 381 13.93 19.42 2.96
N ILE A 382 14.08 18.82 1.80
CA ILE A 382 15.26 19.12 1.03
C ILE A 382 14.93 19.83 -0.28
N THR A 383 15.93 20.51 -0.82
CA THR A 383 15.78 21.22 -2.08
C THR A 383 16.13 20.28 -3.24
N PRO A 384 15.80 20.69 -4.48
CA PRO A 384 16.22 19.91 -5.65
C PRO A 384 17.72 19.59 -5.65
N ALA A 385 18.54 20.54 -5.24
CA ALA A 385 19.98 20.33 -5.12
C ALA A 385 20.28 19.14 -4.21
N GLY A 386 19.37 18.86 -3.30
CA GLY A 386 19.50 17.74 -2.38
C GLY A 386 19.46 16.36 -3.01
N LEU A 387 18.98 16.27 -4.24
CA LEU A 387 19.05 15.01 -4.98
C LEU A 387 20.26 15.02 -5.90
P XMP B . 4.52 0.79 -6.84
O1P XMP B . 4.85 0.04 -5.58
O2P XMP B . 4.86 0.03 -8.10
O5' XMP B . 2.94 1.01 -6.77
O3P XMP B . 5.09 2.19 -6.88
C5' XMP B . 2.02 -0.07 -6.72
C4' XMP B . 0.63 0.46 -6.52
O4' XMP B . 0.18 1.13 -7.72
C1' XMP B . -1.24 1.08 -7.78
N9 XMP B . -1.65 0.60 -9.12
C4 XMP B . -1.94 1.46 -10.07
N3 XMP B . -2.03 2.79 -10.11
N1 XMP B . -2.63 2.71 -12.40
C2 XMP B . -2.41 3.38 -11.26
O2 XMP B . -2.51 4.62 -11.27
C6 XMP B . -2.57 1.36 -12.47
O6 XMP B . -2.80 0.74 -13.52
C5 XMP B . -2.20 0.64 -11.25
N7 XMP B . -2.01 -0.64 -10.91
C8 XMP B . -1.66 -0.67 -9.60
C2' XMP B . -1.74 0.19 -6.65
O2' XMP B . -2.17 1.06 -5.59
C3' XMP B . -0.45 -0.57 -6.29
O3' XMP B . -0.44 -1.12 -4.99
PA NAD C . -13.01 -0.24 -11.45
O1A NAD C . -13.13 0.15 -12.90
O2A NAD C . -13.47 -1.59 -10.95
O5B NAD C . -13.66 0.93 -10.56
C5B NAD C . -14.11 0.64 -9.24
C4B NAD C . -14.82 1.86 -8.69
O4B NAD C . -13.85 2.88 -8.41
C3B NAD C . -15.76 2.50 -9.70
O3B NAD C . -17.09 1.97 -9.60
C2B NAD C . -15.79 3.95 -9.27
O2B NAD C . -16.71 4.12 -8.18
C1B NAD C . -14.42 4.16 -8.69
N9A NAD C . -13.55 4.85 -9.66
C8A NAD C . -12.47 4.36 -10.27
N7A NAD C . -11.93 5.31 -11.08
C5A NAD C . -12.72 6.42 -10.99
C6A NAD C . -12.72 7.77 -11.56
N6A NAD C . -11.78 8.16 -12.45
N1A NAD C . -13.73 8.59 -11.19
C2A NAD C . -14.67 8.23 -10.31
N3A NAD C . -14.73 7.01 -9.74
C4A NAD C . -13.79 6.10 -10.04
O3 NAD C . -11.44 -0.28 -11.05
PN NAD C . -10.33 0.86 -10.82
O1N NAD C . -9.93 1.47 -12.13
O2N NAD C . -10.71 1.63 -9.58
O5D NAD C . -9.19 -0.20 -10.42
C5D NAD C . -8.84 -1.23 -11.35
C4D NAD C . -7.51 -1.87 -10.94
O4D NAD C . -6.46 -0.92 -11.18
C3D NAD C . -7.48 -2.19 -9.45
O3D NAD C . -6.77 -3.43 -9.27
C2D NAD C . -6.68 -1.08 -8.82
O2D NAD C . -5.87 -1.53 -7.73
C1D NAD C . -5.80 -0.59 -9.95
N1N NAD C . -5.63 0.86 -9.88
C2N NAD C . -5.97 1.60 -10.92
C3N NAD C . -5.81 2.98 -10.87
C7N NAD C . -6.20 3.81 -12.04
O7N NAD C . -7.05 3.38 -12.83
N7N NAD C . -5.63 5.00 -12.20
C4N NAD C . -5.29 3.56 -9.72
C5N NAD C . -4.96 2.75 -8.65
C6N NAD C . -5.14 1.39 -8.75
#